data_5GPQ
#
_entry.id   5GPQ
#
_cell.length_a   139.260
_cell.length_b   48.411
_cell.length_c   101.964
_cell.angle_alpha   90.00
_cell.angle_beta   124.24
_cell.angle_gamma   90.00
#
_symmetry.space_group_name_H-M   'C 1 2 1'
#
loop_
_entity.id
_entity.type
_entity.pdbx_description
1 polymer 'Maltose-binding periplasmic protein,Apoptosis-associated speck-like protein containing a CARD'
2 branched alpha-D-glucopyranose-(1-4)-alpha-D-glucopyranose
3 non-polymer 'CITRIC ACID'
4 water water
#
_entity_poly.entity_id   1
_entity_poly.type   'polypeptide(L)'
_entity_poly.pdbx_seq_one_letter_code
;MKIEEGKLVIWINGDKGYNGLAEVGKKFEKDTGIKVTVEHPDKLEEKFPQVAATGDGPDIIFWAHDRFGGYAQSGLLAEI
TPAAAFQDKLYPFTWDAVRYNGKLIAYPIAVEALSLIYNKDLLPNPPKTWEEIPALDKELKAKGKSALMFNLQEPYFTWP
LIAADGGYAFKYAAGKYDIKDVGVDNAGAKAGLTFLVDLIKNKHMNADTDYSIAEAAFNKGETAMTINGPWAWSNIDTSA
VNYGVTVLPTFKGQPSKPFVGVLSAGINAASPNKELAKEFLENYLLTDEGLEAVNKDKPLGAVALKSYEEELAKDPRIAA
TMENAQKGEIMPNIPQMSAFWYAVRTAVINAASGRQTVDAALAAAQTNAARAFAAAFIDEHWKELIDRVNNVDPILDILR
QKKVITNEDYCTIRNKETPQKKMRELLTGPITCAGNKGKEVLYDALRESNKFLMDDLEDLEHHHHHH
;
_entity_poly.pdbx_strand_id   A
#
loop_
_chem_comp.id
_chem_comp.type
_chem_comp.name
_chem_comp.formula
CIT non-polymer 'CITRIC ACID' 'C6 H8 O7'
GLC D-saccharide, alpha linking alpha-D-glucopyranose 'C6 H12 O6'
#
# COMPACT_ATOMS: atom_id res chain seq x y z
N LYS A 2 -21.79 3.48 -16.63
CA LYS A 2 -20.40 3.89 -16.54
C LYS A 2 -20.22 5.08 -15.58
N ILE A 3 -19.29 5.97 -15.92
CA ILE A 3 -19.01 7.16 -15.13
C ILE A 3 -19.92 8.28 -15.62
N GLU A 4 -20.58 8.98 -14.70
CA GLU A 4 -21.60 9.96 -15.11
C GLU A 4 -20.98 11.28 -15.58
N GLU A 5 -21.42 11.76 -16.74
CA GLU A 5 -20.94 13.03 -17.28
C GLU A 5 -21.44 14.20 -16.45
N GLY A 6 -20.58 15.20 -16.24
CA GLY A 6 -21.02 16.43 -15.59
C GLY A 6 -21.03 16.37 -14.07
N LYS A 7 -20.40 15.36 -13.47
CA LYS A 7 -20.14 15.32 -12.05
C LYS A 7 -18.81 14.58 -11.83
N LEU A 8 -18.23 14.72 -10.64
CA LEU A 8 -16.95 14.09 -10.33
C LEU A 8 -17.14 13.14 -9.14
N VAL A 9 -16.65 11.92 -9.28
CA VAL A 9 -16.60 10.94 -8.20
C VAL A 9 -15.13 10.72 -7.84
N ILE A 10 -14.82 10.88 -6.56
CA ILE A 10 -13.46 10.78 -6.06
C ILE A 10 -13.38 9.61 -5.09
N TRP A 11 -12.32 8.80 -5.21
CA TRP A 11 -11.98 7.77 -4.22
C TRP A 11 -10.71 8.16 -3.45
N ILE A 12 -10.77 8.07 -2.13
CA ILE A 12 -9.61 8.34 -1.30
C ILE A 12 -9.68 7.43 -0.08
N ASN A 13 -8.52 7.06 0.44
CA ASN A 13 -8.49 6.10 1.56
C ASN A 13 -9.12 6.69 2.82
N GLY A 14 -9.75 5.80 3.60
CA GLY A 14 -10.49 6.20 4.77
C GLY A 14 -9.67 6.81 5.90
N ASP A 15 -8.35 6.70 5.86
CA ASP A 15 -7.55 7.35 6.89
C ASP A 15 -7.17 8.79 6.53
N LYS A 16 -7.48 9.27 5.32
CA LYS A 16 -7.14 10.62 4.91
C LYS A 16 -8.28 11.60 5.21
N GLY A 17 -8.00 12.88 4.99
CA GLY A 17 -9.00 13.90 5.26
C GLY A 17 -10.11 13.96 4.23
N TYR A 18 -10.97 12.94 4.15
CA TYR A 18 -11.94 12.96 3.06
C TYR A 18 -13.07 13.97 3.31
N ASN A 19 -13.37 14.29 4.57
CA ASN A 19 -14.38 15.33 4.83
C ASN A 19 -13.87 16.70 4.41
N GLY A 20 -12.60 17.01 4.66
CA GLY A 20 -12.04 18.24 4.16
C GLY A 20 -12.00 18.29 2.64
N LEU A 21 -11.70 17.14 2.02
CA LEU A 21 -11.72 17.09 0.55
C LEU A 21 -13.11 17.35 0.01
N ALA A 22 -14.15 16.84 0.68
CA ALA A 22 -15.50 17.11 0.20
C ALA A 22 -15.86 18.58 0.32
N GLU A 23 -15.31 19.29 1.31
CA GLU A 23 -15.54 20.73 1.39
C GLU A 23 -14.97 21.47 0.19
N VAL A 24 -13.80 21.05 -0.29
CA VAL A 24 -13.27 21.58 -1.55
C VAL A 24 -14.20 21.24 -2.70
N GLY A 25 -14.76 20.02 -2.70
CA GLY A 25 -15.73 19.65 -3.72
C GLY A 25 -16.96 20.55 -3.71
N LYS A 26 -17.41 20.96 -2.53
CA LYS A 26 -18.60 21.80 -2.45
C LYS A 26 -18.33 23.21 -2.96
N LYS A 27 -17.14 23.73 -2.70
CA LYS A 27 -16.76 25.00 -3.29
C LYS A 27 -16.68 24.90 -4.81
N PHE A 28 -16.12 23.81 -5.33
CA PHE A 28 -16.11 23.59 -6.78
C PHE A 28 -17.53 23.62 -7.35
N GLU A 29 -18.46 22.90 -6.72
CA GLU A 29 -19.82 22.84 -7.24
C GLU A 29 -20.49 24.21 -7.17
N LYS A 30 -20.20 24.97 -6.11
CA LYS A 30 -20.77 26.30 -5.99
C LYS A 30 -20.34 27.20 -7.15
N ASP A 31 -19.07 27.11 -7.58
CA ASP A 31 -18.59 27.96 -8.66
C ASP A 31 -18.95 27.43 -10.05
N THR A 32 -19.24 26.14 -10.20
CA THR A 32 -19.34 25.52 -11.52
C THR A 32 -20.65 24.79 -11.77
N GLY A 33 -21.41 24.44 -10.74
CA GLY A 33 -22.49 23.51 -10.95
C GLY A 33 -22.07 22.08 -11.15
N ILE A 34 -20.80 21.73 -10.92
CA ILE A 34 -20.35 20.35 -11.06
C ILE A 34 -20.32 19.73 -9.67
N LYS A 35 -21.25 18.82 -9.41
CA LYS A 35 -21.29 18.10 -8.14
C LYS A 35 -20.05 17.22 -8.00
N VAL A 36 -19.52 17.14 -6.77
CA VAL A 36 -18.32 16.36 -6.44
C VAL A 36 -18.67 15.42 -5.29
N THR A 37 -18.55 14.12 -5.51
CA THR A 37 -18.86 13.11 -4.49
C THR A 37 -17.58 12.40 -4.08
N VAL A 38 -17.27 12.41 -2.80
CA VAL A 38 -16.07 11.81 -2.24
C VAL A 38 -16.47 10.53 -1.51
N GLU A 39 -15.85 9.42 -1.90
CA GLU A 39 -16.08 8.12 -1.27
C GLU A 39 -14.75 7.55 -0.77
N HIS A 40 -14.83 6.67 0.23
CA HIS A 40 -13.64 5.98 0.75
C HIS A 40 -13.89 4.47 0.79
N PRO A 41 -13.97 3.81 -0.36
CA PRO A 41 -14.22 2.37 -0.36
C PRO A 41 -13.07 1.63 0.31
N ASP A 42 -13.40 0.52 0.95
CA ASP A 42 -12.37 -0.38 1.46
C ASP A 42 -11.57 -1.00 0.32
N LYS A 43 -10.26 -1.08 0.51
CA LYS A 43 -9.33 -1.68 -0.45
C LYS A 43 -9.51 -1.07 -1.84
N LEU A 44 -9.63 0.26 -1.86
CA LEU A 44 -9.89 0.92 -3.13
C LEU A 44 -8.73 0.75 -4.10
N GLU A 45 -7.52 0.51 -3.61
CA GLU A 45 -6.38 0.44 -4.50
C GLU A 45 -6.34 -0.87 -5.28
N GLU A 46 -7.09 -1.86 -4.82
CA GLU A 46 -7.23 -3.12 -5.53
C GLU A 46 -8.54 -3.19 -6.30
N LYS A 47 -9.57 -2.46 -5.85
CA LYS A 47 -10.81 -2.35 -6.59
C LYS A 47 -10.63 -1.50 -7.85
N PHE A 48 -9.83 -0.43 -7.76
CA PHE A 48 -9.72 0.48 -8.90
C PHE A 48 -9.28 -0.22 -10.18
N PRO A 49 -8.22 -1.02 -10.21
CA PRO A 49 -7.87 -1.67 -11.49
C PRO A 49 -8.97 -2.60 -12.00
N GLN A 50 -9.76 -3.18 -11.10
CA GLN A 50 -10.84 -4.05 -11.56
C GLN A 50 -11.94 -3.26 -12.25
N VAL A 51 -12.48 -2.22 -11.60
CA VAL A 51 -13.62 -1.51 -12.18
C VAL A 51 -13.19 -0.61 -13.33
N ALA A 52 -12.00 0.02 -13.24
CA ALA A 52 -11.56 0.89 -14.31
C ALA A 52 -11.31 0.14 -15.61
N ALA A 53 -10.95 -1.14 -15.54
CA ALA A 53 -10.69 -1.89 -16.76
C ALA A 53 -11.94 -2.00 -17.63
N THR A 54 -13.13 -1.91 -17.04
CA THR A 54 -14.39 -1.95 -17.76
C THR A 54 -14.97 -0.56 -18.05
N GLY A 55 -14.19 0.50 -17.83
CA GLY A 55 -14.70 1.84 -18.05
C GLY A 55 -15.48 2.44 -16.90
N ASP A 56 -15.49 1.79 -15.74
CA ASP A 56 -16.19 2.26 -14.56
C ASP A 56 -15.20 2.87 -13.56
N GLY A 57 -15.66 3.09 -12.33
CA GLY A 57 -14.82 3.59 -11.27
C GLY A 57 -15.00 5.08 -11.04
N PRO A 58 -14.18 5.67 -10.17
CA PRO A 58 -14.25 7.11 -9.94
C PRO A 58 -13.60 7.86 -11.08
N ASP A 59 -13.90 9.17 -11.15
CA ASP A 59 -13.16 10.02 -12.07
C ASP A 59 -11.72 10.22 -11.59
N ILE A 60 -11.52 10.33 -10.29
CA ILE A 60 -10.23 10.62 -9.69
C ILE A 60 -9.96 9.61 -8.59
N ILE A 61 -8.74 9.06 -8.54
CA ILE A 61 -8.35 8.14 -7.47
C ILE A 61 -7.13 8.70 -6.76
N PHE A 62 -7.20 8.78 -5.43
CA PHE A 62 -6.08 9.17 -4.60
C PHE A 62 -5.42 7.95 -3.99
N TRP A 63 -4.10 7.85 -4.12
CA TRP A 63 -3.33 6.84 -3.41
C TRP A 63 -1.87 7.27 -3.45
N ALA A 64 -1.06 6.67 -2.57
CA ALA A 64 0.38 6.81 -2.72
C ALA A 64 0.82 6.42 -4.13
N HIS A 65 1.90 7.05 -4.60
CA HIS A 65 2.31 6.92 -6.00
C HIS A 65 2.74 5.51 -6.39
N ASP A 66 3.06 4.64 -5.42
CA ASP A 66 3.67 3.37 -5.78
C ASP A 66 2.73 2.50 -6.60
N ARG A 67 1.41 2.66 -6.42
CA ARG A 67 0.42 1.89 -7.18
C ARG A 67 0.21 2.37 -8.61
N PHE A 68 0.67 3.59 -8.94
CA PHE A 68 0.18 4.21 -10.17
C PHE A 68 0.90 3.70 -11.41
N GLY A 69 2.12 3.18 -11.28
CA GLY A 69 2.79 2.62 -12.43
C GLY A 69 2.07 1.41 -12.97
N GLY A 70 1.64 0.52 -12.08
CA GLY A 70 0.82 -0.60 -12.49
C GLY A 70 -0.46 -0.15 -13.18
N TYR A 71 -1.16 0.83 -12.60
CA TYR A 71 -2.36 1.37 -13.24
C TYR A 71 -2.05 1.92 -14.63
N ALA A 72 -0.96 2.69 -14.74
CA ALA A 72 -0.65 3.34 -16.02
C ALA A 72 -0.25 2.32 -17.07
N GLN A 73 0.52 1.28 -16.68
CA GLN A 73 0.87 0.23 -17.62
C GLN A 73 -0.37 -0.47 -18.17
N SER A 74 -1.44 -0.56 -17.37
CA SER A 74 -2.69 -1.17 -17.82
C SER A 74 -3.56 -0.20 -18.61
N GLY A 75 -3.09 1.01 -18.86
CA GLY A 75 -3.87 1.99 -19.60
C GLY A 75 -5.04 2.58 -18.83
N LEU A 76 -4.96 2.64 -17.49
CA LEU A 76 -6.10 3.09 -16.72
C LEU A 76 -6.03 4.56 -16.32
N LEU A 77 -4.91 5.25 -16.56
CA LEU A 77 -4.73 6.64 -16.14
C LEU A 77 -4.54 7.54 -17.36
N ALA A 78 -5.12 8.73 -17.29
CA ALA A 78 -4.92 9.73 -18.33
C ALA A 78 -3.62 10.49 -18.08
N GLU A 79 -2.98 10.87 -19.17
CA GLU A 79 -1.77 11.67 -19.06
C GLU A 79 -2.10 13.02 -18.44
N ILE A 80 -1.26 13.46 -17.51
CA ILE A 80 -1.41 14.76 -16.86
C ILE A 80 -0.59 15.79 -17.65
N THR A 81 -1.23 16.91 -18.01
CA THR A 81 -0.62 17.91 -18.90
C THR A 81 -0.67 19.33 -18.33
N PRO A 82 -0.07 19.57 -17.18
CA PRO A 82 -0.12 20.89 -16.57
C PRO A 82 0.73 21.89 -17.35
N ALA A 83 0.24 23.12 -17.42
CA ALA A 83 1.06 24.21 -17.94
C ALA A 83 2.30 24.41 -17.06
N ALA A 84 3.29 25.09 -17.64
CA ALA A 84 4.57 25.29 -16.97
C ALA A 84 4.41 26.09 -15.68
N ALA A 85 3.56 27.12 -15.70
CA ALA A 85 3.32 27.90 -14.49
C ALA A 85 2.73 27.06 -13.37
N PHE A 86 1.89 26.07 -13.70
CA PHE A 86 1.40 25.19 -12.65
C PHE A 86 2.45 24.19 -12.21
N GLN A 87 3.15 23.58 -13.17
CA GLN A 87 4.17 22.60 -12.80
C GLN A 87 5.24 23.21 -11.88
N ASP A 88 5.55 24.49 -12.08
CA ASP A 88 6.46 25.22 -11.19
C ASP A 88 5.94 25.33 -9.76
N LYS A 89 4.63 25.18 -9.53
CA LYS A 89 4.12 25.37 -8.19
C LYS A 89 4.46 24.23 -7.24
N LEU A 90 4.83 23.06 -7.76
CA LEU A 90 5.13 21.88 -6.95
C LEU A 90 6.62 21.56 -7.01
N TYR A 91 7.10 20.89 -5.97
CA TYR A 91 8.50 20.47 -5.94
C TYR A 91 8.79 19.48 -7.06
N PRO A 92 9.91 19.64 -7.77
CA PRO A 92 10.21 18.73 -8.88
C PRO A 92 10.34 17.27 -8.47
N PHE A 93 10.80 16.99 -7.25
CA PHE A 93 10.90 15.59 -6.87
C PHE A 93 9.53 14.95 -6.69
N THR A 94 8.51 15.72 -6.28
CA THR A 94 7.18 15.11 -6.23
C THR A 94 6.67 14.81 -7.63
N TRP A 95 7.03 15.62 -8.64
CA TRP A 95 6.67 15.27 -10.01
C TRP A 95 7.39 14.00 -10.45
N ASP A 96 8.65 13.83 -10.03
CA ASP A 96 9.37 12.62 -10.42
C ASP A 96 8.66 11.35 -9.94
N ALA A 97 7.99 11.42 -8.77
CA ALA A 97 7.32 10.23 -8.22
C ALA A 97 6.14 9.79 -9.08
N VAL A 98 5.52 10.70 -9.82
CA VAL A 98 4.36 10.39 -10.62
C VAL A 98 4.70 10.36 -12.12
N ARG A 99 5.98 10.23 -12.45
CA ARG A 99 6.40 10.11 -13.84
C ARG A 99 6.59 8.64 -14.18
N TYR A 100 5.95 8.18 -15.25
CA TYR A 100 6.03 6.79 -15.69
C TYR A 100 6.29 6.75 -17.19
N ASN A 101 7.42 6.17 -17.58
CA ASN A 101 7.81 6.10 -19.00
C ASN A 101 7.79 7.48 -19.65
N GLY A 102 8.34 8.47 -18.93
CA GLY A 102 8.44 9.83 -19.42
C GLY A 102 7.22 10.68 -19.17
N LYS A 103 6.14 10.11 -18.69
CA LYS A 103 4.84 10.75 -18.75
C LYS A 103 4.32 10.99 -17.33
N LEU A 104 3.79 12.18 -17.09
CA LEU A 104 3.13 12.44 -15.81
C LEU A 104 1.77 11.75 -15.81
N ILE A 105 1.53 10.93 -14.79
CA ILE A 105 0.32 10.12 -14.73
C ILE A 105 -0.54 10.46 -13.52
N ALA A 106 -0.19 11.51 -12.78
CA ALA A 106 -0.99 11.93 -11.64
C ALA A 106 -0.46 13.27 -11.15
N TYR A 107 -1.27 13.93 -10.32
CA TYR A 107 -0.86 15.14 -9.62
C TYR A 107 -0.33 14.76 -8.24
N PRO A 108 0.89 15.13 -7.87
CA PRO A 108 1.34 14.88 -6.50
C PRO A 108 0.66 15.83 -5.53
N ILE A 109 0.40 15.31 -4.32
CA ILE A 109 -0.31 16.05 -3.29
C ILE A 109 0.57 16.28 -2.07
N ALA A 110 1.13 15.21 -1.50
CA ALA A 110 1.80 15.32 -0.22
C ALA A 110 2.78 14.16 -0.02
N VAL A 111 3.87 14.44 0.69
CA VAL A 111 4.90 13.47 0.99
C VAL A 111 4.64 12.85 2.37
N GLU A 112 4.57 11.51 2.42
CA GLU A 112 4.18 10.75 3.60
C GLU A 112 5.33 9.86 4.04
N ALA A 113 5.67 9.90 5.32
CA ALA A 113 6.64 8.94 5.85
C ALA A 113 6.26 8.60 7.29
N LEU A 114 6.59 7.38 7.70
CA LEU A 114 6.31 6.95 9.07
C LEU A 114 7.30 7.59 10.02
N SER A 115 6.84 7.95 11.22
CA SER A 115 7.70 8.39 12.31
C SER A 115 7.43 7.61 13.58
N LEU A 116 8.33 7.72 14.55
CA LEU A 116 8.05 7.20 15.88
C LEU A 116 7.22 8.24 16.64
N ILE A 117 6.09 7.81 17.18
CA ILE A 117 5.21 8.68 17.99
C ILE A 117 5.23 8.15 19.41
N TYR A 118 5.51 9.02 20.39
CA TYR A 118 5.68 8.56 21.76
C TYR A 118 4.93 9.45 22.75
N ASN A 119 4.55 8.84 23.87
CA ASN A 119 3.83 9.51 24.93
C ASN A 119 4.86 10.17 25.85
N LYS A 120 4.89 11.51 25.86
CA LYS A 120 5.90 12.26 26.60
C LYS A 120 5.76 12.12 28.12
N ASP A 121 4.57 11.79 28.60
CA ASP A 121 4.39 11.56 30.03
C ASP A 121 4.80 10.15 30.45
N LEU A 122 4.72 9.17 29.55
CA LEU A 122 5.14 7.82 29.90
C LEU A 122 6.61 7.61 29.64
N LEU A 123 7.16 8.36 28.70
CA LEU A 123 8.48 8.08 28.14
C LEU A 123 9.10 9.41 27.80
N PRO A 124 9.68 10.09 28.79
CA PRO A 124 10.25 11.42 28.52
C PRO A 124 11.35 11.41 27.47
N ASN A 125 12.21 10.39 27.46
CA ASN A 125 13.18 10.23 26.39
C ASN A 125 12.90 8.92 25.65
N PRO A 126 12.50 8.98 24.38
CA PRO A 126 12.22 7.74 23.66
C PRO A 126 13.50 6.98 23.37
N PRO A 127 13.41 5.68 23.11
CA PRO A 127 14.63 4.91 22.81
C PRO A 127 15.23 5.29 21.46
N LYS A 128 16.56 5.39 21.44
CA LYS A 128 17.25 5.66 20.19
C LYS A 128 17.46 4.40 19.36
N THR A 129 17.38 3.21 19.96
CA THR A 129 17.64 1.96 19.26
C THR A 129 16.48 0.99 19.45
N TRP A 130 16.28 0.13 18.44
CA TRP A 130 15.34 -0.97 18.60
C TRP A 130 15.80 -1.92 19.69
N GLU A 131 17.11 -2.13 19.80
CA GLU A 131 17.63 -3.15 20.69
C GLU A 131 17.27 -2.89 22.15
N GLU A 132 17.06 -1.63 22.53
CA GLU A 132 16.73 -1.35 23.91
C GLU A 132 15.25 -1.48 24.22
N ILE A 133 14.40 -1.76 23.22
CA ILE A 133 12.95 -1.78 23.43
C ILE A 133 12.51 -3.00 24.25
N PRO A 134 13.09 -4.20 24.09
CA PRO A 134 12.72 -5.30 25.02
C PRO A 134 12.86 -4.94 26.50
N ALA A 135 13.99 -4.34 26.90
CA ALA A 135 14.18 -3.98 28.30
C ALA A 135 13.18 -2.90 28.71
N LEU A 136 12.95 -1.94 27.83
CA LEU A 136 11.97 -0.88 28.11
C LEU A 136 10.58 -1.46 28.31
N ASP A 137 10.19 -2.44 27.48
CA ASP A 137 8.86 -3.02 27.63
C ASP A 137 8.72 -3.74 28.97
N LYS A 138 9.78 -4.43 29.42
CA LYS A 138 9.74 -5.11 30.71
C LYS A 138 9.50 -4.11 31.84
N GLU A 139 10.22 -2.99 31.81
CA GLU A 139 10.02 -1.91 32.77
C GLU A 139 8.59 -1.37 32.73
N LEU A 140 8.05 -1.14 31.53
CA LEU A 140 6.72 -0.55 31.43
C LEU A 140 5.62 -1.56 31.79
N LYS A 141 5.83 -2.85 31.48
CA LYS A 141 4.87 -3.86 31.91
C LYS A 141 4.78 -3.93 33.42
N ALA A 142 5.90 -3.70 34.12
CA ALA A 142 5.89 -3.64 35.58
C ALA A 142 4.90 -2.59 36.08
N LYS A 143 4.71 -1.50 35.34
CA LYS A 143 3.82 -0.42 35.73
C LYS A 143 2.47 -0.48 35.04
N GLY A 144 2.15 -1.60 34.39
CA GLY A 144 0.85 -1.73 33.75
C GLY A 144 0.72 -1.15 32.36
N LYS A 145 1.84 -0.92 31.65
CA LYS A 145 1.85 -0.35 30.30
C LYS A 145 2.62 -1.28 29.36
N SER A 146 2.79 -0.87 28.10
CA SER A 146 3.69 -1.54 27.18
C SER A 146 4.53 -0.51 26.44
N ALA A 147 5.66 -0.97 25.87
CA ALA A 147 6.56 -0.07 25.15
C ALA A 147 5.97 0.41 23.83
N LEU A 148 5.46 -0.51 23.00
CA LEU A 148 5.30 -0.25 21.58
C LEU A 148 4.17 -1.08 20.99
N MET A 149 3.24 -0.41 20.30
CA MET A 149 2.21 -1.08 19.51
C MET A 149 2.05 -0.37 18.18
N PHE A 150 2.08 -1.14 17.09
CA PHE A 150 1.85 -0.59 15.77
C PHE A 150 1.28 -1.70 14.87
N ASN A 151 0.74 -1.31 13.72
CA ASN A 151 0.04 -2.21 12.82
C ASN A 151 1.02 -3.24 12.26
N LEU A 152 0.88 -4.50 12.66
CA LEU A 152 1.74 -5.57 12.15
C LEU A 152 1.14 -6.27 10.95
N GLN A 153 -0.06 -5.90 10.53
CA GLN A 153 -0.73 -6.57 9.43
C GLN A 153 -0.38 -5.98 8.07
N GLU A 154 0.16 -4.76 8.02
CA GLU A 154 0.54 -4.12 6.76
C GLU A 154 2.05 -3.97 6.68
N PRO A 155 2.71 -4.52 5.65
CA PRO A 155 4.17 -4.52 5.62
C PRO A 155 4.77 -3.11 5.53
N TYR A 156 3.98 -2.13 5.11
CA TYR A 156 4.40 -0.73 5.17
C TYR A 156 4.95 -0.37 6.54
N PHE A 157 4.36 -0.90 7.62
CA PHE A 157 4.78 -0.51 8.97
C PHE A 157 6.01 -1.30 9.45
N THR A 158 6.21 -2.54 8.99
CA THR A 158 7.35 -3.34 9.40
C THR A 158 8.56 -3.18 8.47
N TRP A 159 8.35 -2.70 7.24
CA TRP A 159 9.46 -2.48 6.31
C TRP A 159 10.60 -1.61 6.84
N PRO A 160 10.37 -0.52 7.57
CA PRO A 160 11.52 0.29 8.03
C PRO A 160 12.55 -0.50 8.82
N LEU A 161 12.10 -1.47 9.63
CA LEU A 161 13.01 -2.30 10.41
C LEU A 161 13.70 -3.36 9.54
N ILE A 162 12.95 -3.99 8.63
CA ILE A 162 13.55 -4.94 7.69
C ILE A 162 14.63 -4.28 6.84
N ALA A 163 14.39 -3.04 6.39
CA ALA A 163 15.35 -2.38 5.53
C ALA A 163 16.54 -1.77 6.28
N ALA A 164 16.45 -1.64 7.60
CA ALA A 164 17.43 -0.87 8.36
C ALA A 164 18.86 -1.35 8.12
N ASP A 165 19.08 -2.66 8.23
CA ASP A 165 20.42 -3.23 8.19
C ASP A 165 20.75 -3.84 6.83
N GLY A 166 20.01 -3.47 5.78
CA GLY A 166 20.38 -3.92 4.45
C GLY A 166 19.28 -4.43 3.54
N GLY A 167 18.07 -4.67 4.05
CA GLY A 167 17.00 -5.07 3.17
C GLY A 167 16.69 -3.99 2.15
N TYR A 168 16.22 -4.42 0.97
CA TYR A 168 15.73 -3.47 -0.02
C TYR A 168 14.73 -4.18 -0.94
N ALA A 169 13.97 -3.39 -1.69
CA ALA A 169 12.99 -3.96 -2.59
C ALA A 169 13.68 -4.42 -3.87
N PHE A 170 13.81 -3.53 -4.85
CA PHE A 170 14.51 -3.81 -6.09
C PHE A 170 15.74 -2.92 -6.18
N LYS A 171 16.89 -3.50 -6.52
CA LYS A 171 18.12 -2.70 -6.56
C LYS A 171 18.04 -1.68 -7.69
N TYR A 172 18.38 -0.44 -7.36
CA TYR A 172 18.49 0.61 -8.36
C TYR A 172 19.93 0.68 -8.87
N ALA A 173 20.09 0.65 -10.19
CA ALA A 173 21.42 0.66 -10.80
C ALA A 173 21.32 1.09 -12.25
N ALA A 174 22.20 2.01 -12.66
CA ALA A 174 22.26 2.52 -14.03
C ALA A 174 20.92 3.11 -14.47
N GLY A 175 20.25 3.79 -13.54
CA GLY A 175 19.01 4.48 -13.84
C GLY A 175 17.77 3.63 -13.88
N LYS A 176 17.85 2.32 -13.62
CA LYS A 176 16.68 1.48 -13.68
C LYS A 176 16.69 0.51 -12.50
N TYR A 177 15.49 0.12 -12.06
CA TYR A 177 15.28 -0.92 -11.06
C TYR A 177 15.49 -2.29 -11.68
N ASP A 178 16.28 -3.11 -11.01
CA ASP A 178 16.51 -4.48 -11.45
C ASP A 178 15.62 -5.42 -10.65
N ILE A 179 14.62 -6.01 -11.30
CA ILE A 179 13.73 -6.96 -10.66
C ILE A 179 14.45 -8.25 -10.28
N LYS A 180 15.71 -8.42 -10.53
CA LYS A 180 16.55 -9.50 -9.97
C LYS A 180 17.03 -9.33 -8.54
N ASP A 181 18.00 -8.48 -8.37
CA ASP A 181 18.36 -7.96 -7.06
C ASP A 181 17.06 -7.54 -6.39
N VAL A 182 16.35 -8.55 -5.90
CA VAL A 182 15.38 -8.41 -4.83
C VAL A 182 16.14 -8.58 -3.53
N GLY A 183 16.00 -7.61 -2.62
CA GLY A 183 16.78 -7.63 -1.39
C GLY A 183 15.96 -7.94 -0.16
N VAL A 184 14.85 -8.69 -0.29
CA VAL A 184 14.06 -9.00 0.90
C VAL A 184 14.58 -10.20 1.67
N ASP A 185 15.63 -10.87 1.17
CA ASP A 185 16.12 -12.09 1.79
C ASP A 185 17.63 -12.06 2.02
N ASN A 186 18.22 -10.88 2.16
CA ASN A 186 19.64 -10.83 2.48
C ASN A 186 19.82 -10.83 4.00
N ALA A 187 21.08 -10.76 4.44
CA ALA A 187 21.39 -10.86 5.86
C ALA A 187 20.74 -9.74 6.65
N GLY A 188 20.68 -8.53 6.08
CA GLY A 188 20.06 -7.42 6.78
C GLY A 188 18.56 -7.58 6.96
N ALA A 189 17.88 -8.04 5.90
CA ALA A 189 16.45 -8.29 5.99
C ALA A 189 16.14 -9.41 6.98
N LYS A 190 16.90 -10.51 6.93
CA LYS A 190 16.70 -11.59 7.90
C LYS A 190 16.89 -11.10 9.33
N ALA A 191 17.92 -10.27 9.58
CA ALA A 191 18.15 -9.79 10.94
C ALA A 191 17.00 -8.92 11.42
N GLY A 192 16.45 -8.07 10.54
CA GLY A 192 15.37 -7.20 10.95
C GLY A 192 14.09 -7.95 11.27
N LEU A 193 13.68 -8.87 10.37
CA LEU A 193 12.48 -9.67 10.62
C LEU A 193 12.66 -10.58 11.84
N THR A 194 13.85 -11.15 12.01
CA THR A 194 14.13 -11.96 13.20
C THR A 194 13.97 -11.12 14.46
N PHE A 195 14.48 -9.89 14.47
CA PHE A 195 14.28 -9.05 15.63
C PHE A 195 12.79 -8.79 15.88
N LEU A 196 12.05 -8.44 14.83
CA LEU A 196 10.59 -8.27 14.94
C LEU A 196 9.92 -9.53 15.47
N VAL A 197 10.27 -10.69 14.91
CA VAL A 197 9.63 -11.94 15.32
C VAL A 197 9.99 -12.29 16.77
N ASP A 198 11.19 -11.97 17.20
CA ASP A 198 11.54 -12.22 18.60
C ASP A 198 10.78 -11.32 19.56
N LEU A 199 10.52 -10.06 19.18
CA LEU A 199 9.63 -9.22 19.98
C LEU A 199 8.31 -9.92 20.25
N ILE A 200 7.72 -10.55 19.23
CA ILE A 200 6.42 -11.21 19.42
C ILE A 200 6.57 -12.48 20.25
N LYS A 201 7.60 -13.30 19.94
CA LYS A 201 7.90 -14.52 20.69
C LYS A 201 8.02 -14.27 22.17
N ASN A 202 8.78 -13.25 22.54
CA ASN A 202 9.03 -12.88 23.92
C ASN A 202 7.91 -12.00 24.51
N LYS A 203 6.77 -11.92 23.82
CA LYS A 203 5.54 -11.30 24.33
C LYS A 203 5.65 -9.80 24.51
N HIS A 204 6.55 -9.15 23.79
CA HIS A 204 6.60 -7.69 23.81
C HIS A 204 5.63 -7.06 22.80
N MET A 205 5.11 -7.85 21.85
CA MET A 205 4.07 -7.42 20.93
C MET A 205 3.23 -8.64 20.59
N ASN A 206 2.06 -8.38 20.02
CA ASN A 206 1.13 -9.43 19.64
C ASN A 206 0.98 -9.47 18.13
N ALA A 207 1.11 -10.67 17.55
CA ALA A 207 1.04 -10.81 16.10
C ALA A 207 -0.31 -10.40 15.52
N ASP A 208 -1.35 -10.29 16.35
CA ASP A 208 -2.65 -9.92 15.83
C ASP A 208 -2.90 -8.42 15.85
N THR A 209 -1.96 -7.61 16.32
CA THR A 209 -2.19 -6.17 16.40
C THR A 209 -2.33 -5.57 15.01
N ASP A 210 -3.42 -4.83 14.80
CA ASP A 210 -3.68 -4.13 13.56
C ASP A 210 -3.74 -2.63 13.81
N TYR A 211 -4.22 -1.89 12.80
CA TYR A 211 -4.17 -0.43 12.85
C TYR A 211 -5.02 0.09 14.00
N SER A 212 -6.28 -0.34 14.06
CA SER A 212 -7.22 0.15 15.06
C SER A 212 -6.80 -0.20 16.47
N ILE A 213 -6.36 -1.45 16.68
CA ILE A 213 -5.89 -1.87 18.00
C ILE A 213 -4.73 -0.98 18.46
N ALA A 214 -3.72 -0.81 17.60
CA ALA A 214 -2.58 0.00 18.04
C ALA A 214 -3.00 1.46 18.25
N GLU A 215 -3.81 2.01 17.33
CA GLU A 215 -4.24 3.39 17.50
C GLU A 215 -5.01 3.57 18.81
N ALA A 216 -5.96 2.66 19.10
CA ALA A 216 -6.73 2.78 20.33
C ALA A 216 -5.83 2.72 21.57
N ALA A 217 -4.90 1.77 21.60
CA ALA A 217 -4.05 1.61 22.76
C ALA A 217 -3.19 2.85 23.00
N PHE A 218 -2.57 3.39 21.94
CA PHE A 218 -1.75 4.59 22.11
C PHE A 218 -2.60 5.77 22.54
N ASN A 219 -3.76 5.95 21.93
CA ASN A 219 -4.55 7.14 22.20
C ASN A 219 -5.27 7.09 23.54
N LYS A 220 -5.37 5.90 24.15
CA LYS A 220 -5.82 5.75 25.54
C LYS A 220 -4.69 5.78 26.56
N GLY A 221 -3.45 6.02 26.13
CA GLY A 221 -2.35 6.01 27.08
C GLY A 221 -1.94 4.66 27.62
N GLU A 222 -2.25 3.57 26.92
CA GLU A 222 -1.87 2.25 27.41
C GLU A 222 -0.51 1.77 26.91
N THR A 223 -0.04 2.28 25.78
CA THR A 223 1.28 1.95 25.28
C THR A 223 2.08 3.24 25.10
N ALA A 224 3.39 3.14 25.29
CA ALA A 224 4.24 4.34 25.30
C ALA A 224 4.59 4.84 23.91
N MET A 225 4.50 3.99 22.88
CA MET A 225 4.97 4.32 21.55
C MET A 225 4.09 3.66 20.50
N THR A 226 4.04 4.28 19.32
CA THR A 226 3.43 3.71 18.14
C THR A 226 4.23 4.18 16.94
N ILE A 227 3.93 3.59 15.78
CA ILE A 227 4.54 3.98 14.51
C ILE A 227 3.39 4.33 13.57
N ASN A 228 3.41 5.53 13.01
CA ASN A 228 2.30 5.94 12.17
C ASN A 228 2.69 7.17 11.37
N GLY A 229 1.79 7.57 10.47
CA GLY A 229 2.03 8.66 9.58
C GLY A 229 1.26 9.91 9.99
N PRO A 230 1.47 10.99 9.25
CA PRO A 230 0.85 12.28 9.63
C PRO A 230 -0.65 12.23 9.76
N TRP A 231 -1.34 11.38 8.99
CA TRP A 231 -2.79 11.31 9.07
C TRP A 231 -3.27 10.93 10.46
N ALA A 232 -2.42 10.31 11.26
CA ALA A 232 -2.81 9.84 12.59
C ALA A 232 -2.77 10.92 13.66
N TRP A 233 -2.15 12.07 13.37
CA TRP A 233 -1.94 13.07 14.43
C TRP A 233 -3.25 13.66 14.91
N SER A 234 -4.21 13.81 14.01
CA SER A 234 -5.49 14.44 14.35
C SER A 234 -6.19 13.69 15.48
N ASN A 235 -6.28 12.36 15.40
CA ASN A 235 -6.91 11.60 16.47
C ASN A 235 -6.14 11.69 17.78
N ILE A 236 -4.80 11.77 17.72
CA ILE A 236 -4.07 11.93 18.98
C ILE A 236 -4.30 13.32 19.56
N ASP A 237 -4.40 14.34 18.71
CA ASP A 237 -4.75 15.68 19.18
C ASP A 237 -6.03 15.65 20.01
N THR A 238 -7.00 14.86 19.56
CA THR A 238 -8.31 14.74 20.21
C THR A 238 -8.23 13.96 21.51
N SER A 239 -7.26 13.06 21.64
CA SER A 239 -7.08 12.31 22.87
C SER A 239 -6.42 13.18 23.92
N ALA A 240 -6.26 12.64 25.13
CA ALA A 240 -5.55 13.34 26.19
C ALA A 240 -4.05 13.14 26.14
N VAL A 241 -3.51 12.46 25.13
CA VAL A 241 -2.10 12.10 25.15
C VAL A 241 -1.26 13.29 24.72
N ASN A 242 -0.24 13.61 25.51
CA ASN A 242 0.79 14.57 25.15
C ASN A 242 1.90 13.81 24.42
N TYR A 243 1.98 14.01 23.09
CA TYR A 243 2.79 13.15 22.25
C TYR A 243 3.90 13.93 21.55
N GLY A 244 4.97 13.23 21.23
CA GLY A 244 6.01 13.76 20.37
C GLY A 244 6.18 12.89 19.13
N VAL A 245 6.71 13.49 18.07
CA VAL A 245 6.96 12.80 16.81
C VAL A 245 8.46 12.90 16.53
N THR A 246 9.11 11.77 16.27
CA THR A 246 10.56 11.79 16.24
C THR A 246 11.09 10.74 15.26
N VAL A 247 12.41 10.74 15.14
CA VAL A 247 13.11 9.78 14.28
C VAL A 247 12.87 8.36 14.78
N LEU A 248 12.73 7.43 13.83
CA LEU A 248 12.61 6.03 14.16
C LEU A 248 13.89 5.51 14.84
N PRO A 249 13.79 4.48 15.65
CA PRO A 249 14.98 3.92 16.28
C PRO A 249 15.90 3.28 15.26
N THR A 250 17.18 3.18 15.61
CA THR A 250 18.15 2.50 14.77
C THR A 250 18.14 1.02 15.07
N PHE A 251 18.63 0.23 14.10
CA PHE A 251 18.83 -1.20 14.28
C PHE A 251 20.25 -1.53 13.84
N LYS A 252 21.00 -2.18 14.72
CA LYS A 252 22.42 -2.46 14.48
C LYS A 252 23.17 -1.19 14.09
N GLY A 253 22.87 -0.10 14.78
CA GLY A 253 23.48 1.18 14.52
C GLY A 253 23.01 1.91 13.27
N GLN A 254 22.09 1.26 12.38
CA GLN A 254 21.68 1.91 11.15
C GLN A 254 20.29 2.54 11.28
N PRO A 255 20.01 3.68 10.66
CA PRO A 255 18.65 4.23 10.73
C PRO A 255 17.62 3.28 10.13
N SER A 256 16.42 3.27 10.72
CA SER A 256 15.29 2.66 10.04
C SER A 256 15.01 3.41 8.74
N LYS A 257 14.54 2.67 7.73
CA LYS A 257 14.41 3.19 6.38
C LYS A 257 12.98 3.02 5.90
N PRO A 258 12.09 3.95 6.27
CA PRO A 258 10.71 3.87 5.81
C PRO A 258 10.65 4.09 4.30
N PHE A 259 9.74 3.37 3.64
CA PHE A 259 9.44 3.61 2.24
C PHE A 259 8.57 4.86 2.13
N VAL A 260 8.99 5.85 1.35
CA VAL A 260 8.33 7.16 1.32
C VAL A 260 7.31 7.20 0.21
N GLY A 261 6.10 7.61 0.54
CA GLY A 261 4.98 7.64 -0.39
C GLY A 261 4.56 9.06 -0.70
N VAL A 262 4.26 9.31 -1.96
CA VAL A 262 3.72 10.59 -2.37
C VAL A 262 2.24 10.37 -2.66
N LEU A 263 1.39 10.85 -1.77
CA LEU A 263 -0.04 10.84 -2.02
C LEU A 263 -0.31 11.57 -3.33
N SER A 264 -1.04 10.93 -4.23
CA SER A 264 -1.18 11.38 -5.61
C SER A 264 -2.62 11.22 -6.07
N ALA A 265 -3.05 12.08 -7.00
CA ALA A 265 -4.40 12.01 -7.55
C ALA A 265 -4.33 11.70 -9.03
N GLY A 266 -4.83 10.54 -9.42
CA GLY A 266 -4.83 10.13 -10.82
C GLY A 266 -6.22 10.29 -11.41
N ILE A 267 -6.27 10.57 -12.72
CA ILE A 267 -7.54 10.71 -13.43
C ILE A 267 -7.80 9.44 -14.24
N ASN A 268 -8.97 8.85 -14.02
CA ASN A 268 -9.40 7.67 -14.76
C ASN A 268 -9.37 7.91 -16.27
N ALA A 269 -8.62 7.07 -17.00
CA ALA A 269 -8.59 7.20 -18.46
C ALA A 269 -9.97 7.04 -19.09
N ALA A 270 -10.91 6.39 -18.41
CA ALA A 270 -12.26 6.23 -18.97
C ALA A 270 -13.22 7.36 -18.59
N SER A 271 -12.75 8.36 -17.85
CA SER A 271 -13.65 9.42 -17.39
C SER A 271 -14.05 10.34 -18.55
N PRO A 272 -15.32 10.65 -18.71
CA PRO A 272 -15.72 11.72 -19.65
C PRO A 272 -15.55 13.12 -19.08
N ASN A 273 -14.97 13.25 -17.89
CA ASN A 273 -14.88 14.51 -17.18
C ASN A 273 -13.43 14.93 -16.95
N LYS A 274 -12.52 14.53 -17.83
CA LYS A 274 -11.09 14.75 -17.59
C LYS A 274 -10.78 16.23 -17.43
N GLU A 275 -11.46 17.08 -18.21
CA GLU A 275 -11.20 18.51 -18.14
C GLU A 275 -11.74 19.11 -16.84
N LEU A 276 -12.91 18.67 -16.40
CA LEU A 276 -13.41 19.10 -15.09
C LEU A 276 -12.50 18.63 -13.96
N ALA A 277 -11.99 17.39 -14.08
CA ALA A 277 -11.08 16.86 -13.07
C ALA A 277 -9.80 17.67 -12.98
N LYS A 278 -9.22 18.01 -14.13
CA LYS A 278 -8.03 18.87 -14.14
C LYS A 278 -8.32 20.20 -13.46
N GLU A 279 -9.47 20.80 -13.77
CA GLU A 279 -9.82 22.09 -13.19
C GLU A 279 -9.96 21.99 -11.67
N PHE A 280 -10.67 20.97 -11.20
CA PHE A 280 -10.80 20.77 -9.75
C PHE A 280 -9.44 20.63 -9.09
N LEU A 281 -8.58 19.75 -9.61
CA LEU A 281 -7.32 19.43 -8.95
C LEU A 281 -6.36 20.62 -8.97
N GLU A 282 -6.21 21.27 -10.13
CA GLU A 282 -5.26 22.38 -10.24
C GLU A 282 -5.78 23.66 -9.59
N ASN A 283 -7.03 24.03 -9.87
CA ASN A 283 -7.52 25.36 -9.48
C ASN A 283 -8.23 25.38 -8.13
N TYR A 284 -8.58 24.23 -7.57
CA TYR A 284 -9.27 24.19 -6.28
C TYR A 284 -8.51 23.40 -5.22
N LEU A 285 -8.10 22.16 -5.52
CA LEU A 285 -7.41 21.37 -4.50
C LEU A 285 -5.99 21.86 -4.26
N LEU A 286 -5.19 21.96 -5.33
CA LEU A 286 -3.76 22.27 -5.19
C LEU A 286 -3.57 23.79 -5.10
N THR A 287 -4.20 24.35 -4.07
CA THR A 287 -4.05 25.74 -3.67
C THR A 287 -3.87 25.75 -2.16
N ASP A 288 -3.39 26.89 -1.65
CA ASP A 288 -3.25 27.07 -0.20
C ASP A 288 -4.54 26.73 0.53
N GLU A 289 -5.67 27.30 0.06
CA GLU A 289 -6.93 27.09 0.77
C GLU A 289 -7.48 25.67 0.57
N GLY A 290 -7.27 25.08 -0.60
CA GLY A 290 -7.72 23.71 -0.81
C GLY A 290 -6.98 22.72 0.06
N LEU A 291 -5.64 22.76 0.05
CA LEU A 291 -4.84 21.86 0.89
C LEU A 291 -5.07 22.12 2.37
N GLU A 292 -5.26 23.38 2.76
CA GLU A 292 -5.53 23.66 4.17
C GLU A 292 -6.83 23.01 4.64
N ALA A 293 -7.86 22.99 3.79
CA ALA A 293 -9.10 22.33 4.16
C ALA A 293 -8.90 20.84 4.40
N VAL A 294 -8.15 20.16 3.52
CA VAL A 294 -7.90 18.73 3.72
C VAL A 294 -7.02 18.52 4.95
N ASN A 295 -5.96 19.31 5.05
CA ASN A 295 -4.98 19.14 6.12
C ASN A 295 -5.61 19.37 7.50
N LYS A 296 -6.59 20.29 7.59
CA LYS A 296 -7.25 20.53 8.87
C LYS A 296 -8.08 19.33 9.30
N ASP A 297 -8.52 18.51 8.35
CA ASP A 297 -9.28 17.31 8.67
C ASP A 297 -8.35 16.19 9.15
N LYS A 298 -7.35 15.84 8.34
CA LYS A 298 -6.32 14.85 8.69
C LYS A 298 -5.04 15.41 8.09
N PRO A 299 -3.97 15.56 8.86
CA PRO A 299 -2.75 16.16 8.30
C PRO A 299 -2.21 15.33 7.13
N LEU A 300 -1.81 16.05 6.09
CA LEU A 300 -1.32 15.45 4.85
C LEU A 300 0.15 15.03 4.92
N GLY A 301 0.94 15.60 5.83
CA GLY A 301 2.39 15.48 5.72
C GLY A 301 3.00 16.69 5.05
N ALA A 302 4.11 16.52 4.34
CA ALA A 302 4.75 17.64 3.67
C ALA A 302 4.13 17.77 2.28
N VAL A 303 3.42 18.88 2.05
CA VAL A 303 2.65 19.01 0.82
C VAL A 303 3.58 19.31 -0.35
N ALA A 304 3.14 18.91 -1.55
CA ALA A 304 3.90 19.16 -2.76
C ALA A 304 3.85 20.62 -3.21
N LEU A 305 2.85 21.38 -2.75
CA LEU A 305 2.64 22.77 -3.14
C LEU A 305 3.58 23.68 -2.35
N LYS A 306 4.57 24.25 -3.05
CA LYS A 306 5.65 24.98 -2.39
C LYS A 306 5.15 26.04 -1.42
N SER A 307 4.21 26.88 -1.87
CA SER A 307 3.76 28.01 -1.08
C SER A 307 3.14 27.56 0.25
N TYR A 308 2.39 26.46 0.24
CA TYR A 308 1.84 25.99 1.50
C TYR A 308 2.87 25.23 2.33
N GLU A 309 3.74 24.47 1.68
CA GLU A 309 4.76 23.73 2.42
C GLU A 309 5.66 24.65 3.24
N GLU A 310 5.92 25.85 2.72
CA GLU A 310 6.72 26.81 3.49
C GLU A 310 6.11 27.09 4.86
N GLU A 311 4.78 27.12 4.95
CA GLU A 311 4.15 27.25 6.25
C GLU A 311 4.29 25.97 7.06
N LEU A 312 3.93 24.82 6.48
CA LEU A 312 3.92 23.56 7.22
C LEU A 312 5.31 23.13 7.70
N ALA A 313 6.36 23.52 6.98
CA ALA A 313 7.72 23.09 7.30
C ALA A 313 8.18 23.58 8.67
N LYS A 314 7.51 24.60 9.24
CA LYS A 314 7.84 25.06 10.58
C LYS A 314 7.31 24.16 11.68
N ASP A 315 6.37 23.27 11.38
CA ASP A 315 5.83 22.31 12.36
C ASP A 315 6.88 21.26 12.69
N PRO A 316 7.25 21.06 13.96
CA PRO A 316 8.28 20.06 14.28
C PRO A 316 7.85 18.63 13.94
N ARG A 317 6.55 18.35 13.89
CA ARG A 317 6.11 17.03 13.47
C ARG A 317 6.43 16.80 11.98
N ILE A 318 6.33 17.84 11.17
CA ILE A 318 6.75 17.75 9.77
C ILE A 318 8.25 17.60 9.64
N ALA A 319 9.01 18.28 10.51
CA ALA A 319 10.46 18.10 10.52
C ALA A 319 10.84 16.66 10.81
N ALA A 320 10.14 16.02 11.76
CA ALA A 320 10.36 14.61 12.02
C ALA A 320 9.98 13.76 10.81
N THR A 321 8.86 14.06 10.16
CA THR A 321 8.47 13.32 8.96
C THR A 321 9.56 13.36 7.90
N MET A 322 10.13 14.56 7.66
CA MET A 322 11.14 14.69 6.62
C MET A 322 12.49 14.09 7.05
N GLU A 323 12.79 14.13 8.34
CA GLU A 323 14.00 13.47 8.83
C GLU A 323 13.91 11.97 8.57
N ASN A 324 12.78 11.36 8.92
CA ASN A 324 12.58 9.94 8.60
C ASN A 324 12.55 9.72 7.09
N ALA A 325 11.90 10.62 6.35
CA ALA A 325 11.87 10.49 4.89
C ALA A 325 13.29 10.47 4.30
N GLN A 326 14.16 11.36 4.79
CA GLN A 326 15.53 11.42 4.25
C GLN A 326 16.30 10.13 4.52
N LYS A 327 16.06 9.49 5.67
CA LYS A 327 16.76 8.26 5.99
C LYS A 327 16.21 7.06 5.22
N GLY A 328 14.97 7.13 4.75
CA GLY A 328 14.36 6.07 3.97
C GLY A 328 14.54 6.32 2.49
N GLU A 329 13.65 5.72 1.70
CA GLU A 329 13.72 5.75 0.24
C GLU A 329 12.35 6.05 -0.35
N ILE A 330 12.31 6.86 -1.41
CA ILE A 330 11.08 7.03 -2.17
C ILE A 330 10.70 5.68 -2.78
N MET A 331 9.44 5.31 -2.67
CA MET A 331 9.04 4.04 -3.25
C MET A 331 9.15 4.10 -4.77
N PRO A 332 9.52 2.99 -5.41
CA PRO A 332 9.36 2.90 -6.87
C PRO A 332 7.89 2.93 -7.21
N ASN A 333 7.57 3.38 -8.43
CA ASN A 333 6.21 3.28 -8.92
C ASN A 333 6.03 2.17 -9.95
N ILE A 334 7.00 1.27 -10.10
CA ILE A 334 6.98 0.29 -11.17
C ILE A 334 5.83 -0.69 -10.96
N PRO A 335 5.35 -1.35 -12.03
CA PRO A 335 4.20 -2.25 -11.90
C PRO A 335 4.41 -3.42 -10.96
N GLN A 336 5.66 -3.84 -10.73
CA GLN A 336 5.93 -4.95 -9.82
CA GLN A 336 5.91 -4.96 -9.82
C GLN A 336 5.71 -4.60 -8.35
N MET A 337 5.39 -3.34 -8.02
CA MET A 337 5.29 -2.97 -6.60
C MET A 337 4.19 -3.74 -5.87
N SER A 338 3.04 -3.98 -6.51
CA SER A 338 1.99 -4.68 -5.77
C SER A 338 2.38 -6.13 -5.47
N ALA A 339 3.14 -6.79 -6.38
CA ALA A 339 3.67 -8.11 -6.09
C ALA A 339 4.69 -8.07 -4.95
N PHE A 340 5.56 -7.06 -4.92
CA PHE A 340 6.47 -6.88 -3.80
C PHE A 340 5.72 -6.77 -2.48
N TRP A 341 4.72 -5.89 -2.42
CA TRP A 341 4.00 -5.67 -1.17
C TRP A 341 3.27 -6.93 -0.71
N TYR A 342 2.65 -7.66 -1.63
CA TYR A 342 1.97 -8.91 -1.29
C TYR A 342 2.97 -9.93 -0.74
N ALA A 343 4.13 -10.05 -1.40
CA ALA A 343 5.16 -10.98 -0.95
C ALA A 343 5.63 -10.66 0.46
N VAL A 344 5.89 -9.37 0.74
CA VAL A 344 6.38 -9.03 2.08
C VAL A 344 5.28 -9.17 3.11
N ARG A 345 4.03 -8.86 2.74
CA ARG A 345 2.91 -9.04 3.67
C ARG A 345 2.77 -10.50 4.10
N THR A 346 2.85 -11.41 3.13
CA THR A 346 2.77 -12.84 3.43
C THR A 346 3.91 -13.28 4.33
N ALA A 347 5.14 -12.85 4.01
CA ALA A 347 6.31 -13.24 4.80
C ALA A 347 6.19 -12.81 6.26
N VAL A 348 5.76 -11.57 6.50
CA VAL A 348 5.72 -11.09 7.88
C VAL A 348 4.63 -11.81 8.67
N ILE A 349 3.45 -11.99 8.07
CA ILE A 349 2.37 -12.71 8.75
C ILE A 349 2.79 -14.15 9.06
N ASN A 350 3.38 -14.84 8.08
CA ASN A 350 3.78 -16.24 8.31
C ASN A 350 4.89 -16.37 9.35
N ALA A 351 5.87 -15.48 9.34
CA ALA A 351 6.95 -15.59 10.32
C ALA A 351 6.47 -15.18 11.72
N ALA A 352 5.64 -14.13 11.82
CA ALA A 352 5.16 -13.67 13.12
C ALA A 352 4.26 -14.69 13.79
N SER A 353 3.53 -15.50 13.04
CA SER A 353 2.72 -16.54 13.66
C SER A 353 3.51 -17.79 14.00
N GLY A 354 4.80 -17.87 13.62
CA GLY A 354 5.53 -19.12 13.74
C GLY A 354 5.15 -20.20 12.75
N ARG A 355 4.26 -19.90 11.81
CA ARG A 355 3.90 -20.86 10.76
C ARG A 355 5.10 -21.20 9.88
N GLN A 356 5.98 -20.24 9.64
CA GLN A 356 7.22 -20.47 8.93
C GLN A 356 8.37 -19.84 9.70
N THR A 357 9.57 -20.37 9.49
CA THR A 357 10.76 -19.68 9.97
C THR A 357 10.95 -18.38 9.20
N VAL A 358 11.75 -17.50 9.78
CA VAL A 358 12.09 -16.25 9.10
C VAL A 358 12.76 -16.54 7.75
N ASP A 359 13.70 -17.48 7.72
CA ASP A 359 14.44 -17.74 6.48
C ASP A 359 13.52 -18.23 5.37
N ALA A 360 12.61 -19.15 5.70
CA ALA A 360 11.69 -19.66 4.68
C ALA A 360 10.70 -18.59 4.25
N ALA A 361 10.19 -17.81 5.19
CA ALA A 361 9.24 -16.74 4.85
C ALA A 361 9.86 -15.79 3.83
N LEU A 362 11.10 -15.36 4.09
CA LEU A 362 11.77 -14.39 3.24
C LEU A 362 12.27 -15.00 1.93
N ALA A 363 12.58 -16.30 1.92
CA ALA A 363 12.92 -16.97 0.65
C ALA A 363 11.73 -16.99 -0.29
N ALA A 364 10.53 -17.25 0.22
CA ALA A 364 9.33 -17.16 -0.61
C ALA A 364 9.10 -15.73 -1.08
N ALA A 365 9.29 -14.76 -0.18
CA ALA A 365 9.10 -13.37 -0.56
C ALA A 365 10.05 -12.97 -1.66
N GLN A 366 11.30 -13.45 -1.60
CA GLN A 366 12.26 -13.14 -2.65
C GLN A 366 11.78 -13.66 -4.00
N THR A 367 11.26 -14.87 -4.04
CA THR A 367 10.72 -15.40 -5.29
C THR A 367 9.43 -14.68 -5.69
N ASN A 368 8.53 -14.41 -4.74
CA ASN A 368 7.22 -13.88 -5.10
C ASN A 368 7.32 -12.41 -5.54
N ALA A 369 8.20 -11.64 -4.91
CA ALA A 369 8.36 -10.23 -5.28
C ALA A 369 8.78 -10.08 -6.74
N ALA A 370 9.39 -11.10 -7.33
CA ALA A 370 9.91 -11.04 -8.69
C ALA A 370 8.97 -11.64 -9.74
N ARG A 371 7.79 -12.10 -9.37
CA ARG A 371 6.85 -12.64 -10.35
C ARG A 371 5.50 -11.96 -10.18
N ALA A 372 4.58 -12.28 -11.08
CA ALA A 372 3.30 -11.58 -11.09
C ALA A 372 2.53 -11.87 -9.81
N PHE A 373 1.79 -10.86 -9.35
CA PHE A 373 0.89 -11.03 -8.22
C PHE A 373 -0.02 -12.24 -8.41
N ALA A 374 -0.60 -12.37 -9.60
CA ALA A 374 -1.61 -13.41 -9.82
C ALA A 374 -1.00 -14.81 -9.67
N ALA A 375 0.26 -14.98 -10.06
CA ALA A 375 0.89 -16.29 -9.94
C ALA A 375 1.08 -16.68 -8.48
N ALA A 376 1.61 -15.76 -7.67
CA ALA A 376 1.73 -16.03 -6.24
C ALA A 376 0.35 -16.24 -5.61
N PHE A 377 -0.64 -15.47 -6.05
CA PHE A 377 -1.99 -15.66 -5.53
C PHE A 377 -2.49 -17.08 -5.74
N ILE A 378 -2.31 -17.63 -6.95
CA ILE A 378 -2.74 -18.99 -7.22
C ILE A 378 -1.99 -19.98 -6.33
N ASP A 379 -0.66 -19.84 -6.24
CA ASP A 379 0.12 -20.77 -5.42
C ASP A 379 -0.25 -20.69 -3.95
N GLU A 380 -0.69 -19.53 -3.47
CA GLU A 380 -1.02 -19.41 -2.06
C GLU A 380 -2.43 -19.87 -1.71
N HIS A 381 -3.32 -20.05 -2.69
CA HIS A 381 -4.69 -20.46 -2.40
C HIS A 381 -5.10 -21.71 -3.14
N TRP A 382 -4.13 -22.51 -3.63
CA TRP A 382 -4.49 -23.60 -4.53
C TRP A 382 -5.35 -24.65 -3.84
N LYS A 383 -5.13 -24.89 -2.54
CA LYS A 383 -5.99 -25.84 -1.85
C LYS A 383 -7.42 -25.30 -1.71
N GLU A 384 -7.58 -24.02 -1.38
CA GLU A 384 -8.93 -23.46 -1.28
C GLU A 384 -9.64 -23.41 -2.62
N LEU A 385 -8.92 -23.05 -3.68
CA LEU A 385 -9.49 -23.11 -5.02
C LEU A 385 -10.08 -24.49 -5.34
N ILE A 386 -9.31 -25.55 -5.08
CA ILE A 386 -9.79 -26.90 -5.33
C ILE A 386 -11.05 -27.18 -4.53
N ASP A 387 -11.10 -26.74 -3.27
CA ASP A 387 -12.21 -27.10 -2.42
C ASP A 387 -13.46 -26.26 -2.66
N ARG A 388 -13.34 -25.08 -3.26
CA ARG A 388 -14.46 -24.16 -3.33
C ARG A 388 -14.97 -23.84 -4.72
N VAL A 389 -14.18 -24.07 -5.78
CA VAL A 389 -14.64 -23.72 -7.11
C VAL A 389 -15.86 -24.55 -7.46
N ASN A 390 -16.81 -23.95 -8.18
CA ASN A 390 -18.01 -24.67 -8.58
C ASN A 390 -18.19 -24.79 -10.09
N ASN A 391 -17.49 -23.97 -10.87
CA ASN A 391 -17.80 -23.76 -12.27
C ASN A 391 -16.49 -23.94 -13.03
N VAL A 392 -16.17 -25.17 -13.44
CA VAL A 392 -14.83 -25.46 -13.94
C VAL A 392 -14.80 -25.55 -15.46
N ASP A 393 -15.89 -25.99 -16.09
CA ASP A 393 -15.88 -26.12 -17.54
C ASP A 393 -15.51 -24.81 -18.25
N PRO A 394 -16.01 -23.64 -17.88
CA PRO A 394 -15.52 -22.41 -18.53
C PRO A 394 -14.02 -22.19 -18.37
N ILE A 395 -13.46 -22.54 -17.22
CA ILE A 395 -12.02 -22.39 -17.00
C ILE A 395 -11.26 -23.22 -18.02
N LEU A 396 -11.66 -24.47 -18.19
CA LEU A 396 -11.02 -25.36 -19.15
C LEU A 396 -11.13 -24.82 -20.57
N ASP A 397 -12.31 -24.31 -20.91
CA ASP A 397 -12.53 -23.71 -22.22
C ASP A 397 -11.59 -22.52 -22.44
N ILE A 398 -11.49 -21.63 -21.44
CA ILE A 398 -10.60 -20.48 -21.56
C ILE A 398 -9.15 -20.93 -21.65
N LEU A 399 -8.74 -21.85 -20.78
CA LEU A 399 -7.35 -22.33 -20.79
C LEU A 399 -6.99 -22.99 -22.11
N ARG A 400 -7.92 -23.73 -22.71
CA ARG A 400 -7.64 -24.35 -24.00
C ARG A 400 -7.50 -23.31 -25.10
N GLN A 401 -8.44 -22.36 -25.17
CA GLN A 401 -8.37 -21.37 -26.23
C GLN A 401 -7.21 -20.42 -26.03
N LYS A 402 -6.74 -20.23 -24.79
CA LYS A 402 -5.54 -19.42 -24.59
C LYS A 402 -4.25 -20.22 -24.74
N LYS A 403 -4.32 -21.52 -25.09
CA LYS A 403 -3.17 -22.39 -25.34
C LYS A 403 -2.39 -22.73 -24.08
N VAL A 404 -2.98 -22.64 -22.91
CA VAL A 404 -2.31 -23.07 -21.68
C VAL A 404 -2.32 -24.59 -21.58
N ILE A 405 -3.43 -25.21 -21.98
CA ILE A 405 -3.57 -26.66 -21.95
C ILE A 405 -3.85 -27.14 -23.38
N THR A 406 -3.59 -28.43 -23.61
CA THR A 406 -3.84 -28.99 -24.94
C THR A 406 -5.28 -29.51 -25.06
N ASN A 407 -5.66 -29.90 -26.29
CA ASN A 407 -6.95 -30.53 -26.51
C ASN A 407 -7.07 -31.83 -25.70
N GLU A 408 -5.99 -32.61 -25.62
CA GLU A 408 -6.02 -33.84 -24.83
C GLU A 408 -6.19 -33.55 -23.35
N ASP A 409 -5.43 -32.59 -22.81
CA ASP A 409 -5.64 -32.12 -21.42
C ASP A 409 -7.11 -31.77 -21.20
N TYR A 410 -7.68 -30.98 -22.10
CA TYR A 410 -9.08 -30.56 -21.91
C TYR A 410 -10.00 -31.77 -21.81
N CYS A 411 -9.87 -32.71 -22.75
CA CYS A 411 -10.74 -33.89 -22.76
C CYS A 411 -10.52 -34.76 -21.53
N THR A 412 -9.26 -34.91 -21.10
CA THR A 412 -8.97 -35.70 -19.92
C THR A 412 -9.62 -35.10 -18.67
N ILE A 413 -9.44 -33.79 -18.46
CA ILE A 413 -9.94 -33.16 -17.25
C ILE A 413 -11.45 -32.99 -17.30
N ARG A 414 -11.98 -32.62 -18.46
CA ARG A 414 -13.43 -32.46 -18.61
C ARG A 414 -14.17 -33.75 -18.30
N ASN A 415 -13.49 -34.89 -18.44
CA ASN A 415 -14.07 -36.19 -18.20
C ASN A 415 -14.28 -36.50 -16.72
N LYS A 416 -13.56 -35.83 -15.82
CA LYS A 416 -13.70 -36.13 -14.39
C LYS A 416 -15.08 -35.70 -13.91
N GLU A 417 -15.48 -36.25 -12.75
CA GLU A 417 -16.88 -36.20 -12.36
C GLU A 417 -17.27 -34.98 -11.53
N THR A 418 -16.37 -34.40 -10.76
CA THR A 418 -16.74 -33.31 -9.89
C THR A 418 -15.82 -32.12 -10.12
N PRO A 419 -16.28 -30.91 -9.76
CA PRO A 419 -15.39 -29.74 -9.88
C PRO A 419 -14.09 -29.88 -9.10
N GLN A 420 -14.13 -30.45 -7.90
CA GLN A 420 -12.92 -30.59 -7.09
C GLN A 420 -11.90 -31.47 -7.80
N LYS A 421 -12.36 -32.56 -8.42
CA LYS A 421 -11.45 -33.45 -9.12
C LYS A 421 -10.88 -32.80 -10.37
N LYS A 422 -11.71 -32.07 -11.14
CA LYS A 422 -11.20 -31.35 -12.29
C LYS A 422 -10.14 -30.34 -11.85
N MET A 423 -10.45 -29.57 -10.81
CA MET A 423 -9.55 -28.52 -10.34
C MET A 423 -8.24 -29.10 -9.83
N ARG A 424 -8.30 -30.23 -9.13
CA ARG A 424 -7.09 -30.85 -8.61
C ARG A 424 -6.21 -31.38 -9.75
N GLU A 425 -6.82 -31.98 -10.76
CA GLU A 425 -6.04 -32.44 -11.90
C GLU A 425 -5.41 -31.28 -12.64
N LEU A 426 -6.13 -30.17 -12.74
CA LEU A 426 -5.60 -28.99 -13.39
C LEU A 426 -4.40 -28.42 -12.64
N LEU A 427 -4.55 -28.22 -11.31
CA LEU A 427 -3.53 -27.53 -10.54
C LEU A 427 -2.30 -28.40 -10.30
N THR A 428 -2.45 -29.71 -10.26
CA THR A 428 -1.29 -30.59 -10.10
C THR A 428 -0.79 -31.15 -11.41
N GLY A 429 -1.48 -30.84 -12.52
CA GLY A 429 -1.05 -31.25 -13.84
C GLY A 429 -0.55 -30.09 -14.68
N PRO A 430 -1.29 -29.73 -15.73
CA PRO A 430 -0.76 -28.76 -16.70
C PRO A 430 -0.45 -27.39 -16.12
N ILE A 431 -1.09 -26.99 -15.02
CA ILE A 431 -0.79 -25.66 -14.48
C ILE A 431 0.58 -25.63 -13.81
N THR A 432 1.09 -26.78 -13.33
CA THR A 432 2.45 -26.75 -12.81
C THR A 432 3.50 -26.61 -13.91
N CYS A 433 3.12 -26.78 -15.18
CA CYS A 433 4.05 -26.89 -16.29
C CYS A 433 4.03 -25.72 -17.25
N ALA A 434 3.26 -24.67 -16.96
CA ALA A 434 3.12 -23.57 -17.90
C ALA A 434 3.64 -22.25 -17.34
N GLY A 435 4.58 -22.34 -16.40
CA GLY A 435 5.24 -21.18 -15.82
C GLY A 435 4.24 -20.26 -15.10
N ASN A 436 4.75 -19.08 -14.74
CA ASN A 436 3.91 -18.11 -14.08
C ASN A 436 2.80 -17.59 -15.00
N LYS A 437 3.07 -17.51 -16.31
CA LYS A 437 2.06 -17.04 -17.24
C LYS A 437 0.81 -17.91 -17.21
N GLY A 438 0.98 -19.22 -17.19
CA GLY A 438 -0.20 -20.09 -17.10
C GLY A 438 -1.03 -19.83 -15.86
N LYS A 439 -0.37 -19.53 -14.73
CA LYS A 439 -1.10 -19.22 -13.52
C LYS A 439 -1.81 -17.87 -13.61
N GLU A 440 -1.22 -16.90 -14.31
CA GLU A 440 -1.90 -15.63 -14.55
C GLU A 440 -3.13 -15.80 -15.44
N VAL A 441 -3.05 -16.67 -16.46
CA VAL A 441 -4.24 -16.94 -17.27
C VAL A 441 -5.31 -17.64 -16.43
N LEU A 442 -4.90 -18.55 -15.56
CA LEU A 442 -5.87 -19.22 -14.70
C LEU A 442 -6.57 -18.22 -13.78
N TYR A 443 -5.81 -17.26 -13.24
CA TYR A 443 -6.39 -16.25 -12.37
C TYR A 443 -7.46 -15.43 -13.09
N ASP A 444 -7.17 -14.99 -14.31
CA ASP A 444 -8.16 -14.29 -15.13
C ASP A 444 -9.39 -15.16 -15.40
N ALA A 445 -9.17 -16.43 -15.73
CA ALA A 445 -10.28 -17.35 -16.01
C ALA A 445 -11.16 -17.52 -14.76
N LEU A 446 -10.53 -17.62 -13.59
CA LEU A 446 -11.30 -17.74 -12.35
C LEU A 446 -12.14 -16.50 -12.09
N ARG A 447 -11.62 -15.32 -12.40
CA ARG A 447 -12.42 -14.11 -12.18
C ARG A 447 -13.56 -13.98 -13.18
N GLU A 448 -13.45 -14.62 -14.35
CA GLU A 448 -14.57 -14.67 -15.30
C GLU A 448 -15.59 -15.75 -14.98
N SER A 449 -15.28 -16.68 -14.10
CA SER A 449 -16.15 -17.84 -13.89
C SER A 449 -16.52 -18.09 -12.46
N ASN A 450 -15.77 -17.57 -11.48
CA ASN A 450 -15.97 -17.82 -10.07
C ASN A 450 -15.66 -16.52 -9.33
N LYS A 451 -16.33 -15.42 -9.71
CA LYS A 451 -15.90 -14.11 -9.21
C LYS A 451 -16.08 -13.97 -7.69
N PHE A 452 -17.15 -14.51 -7.12
CA PHE A 452 -17.33 -14.34 -5.68
C PHE A 452 -16.22 -15.01 -4.90
N LEU A 453 -15.88 -16.25 -5.30
CA LEU A 453 -14.76 -16.96 -4.69
C LEU A 453 -13.48 -16.12 -4.72
N MET A 454 -13.15 -15.59 -5.91
CA MET A 454 -11.94 -14.78 -6.07
C MET A 454 -12.01 -13.49 -5.24
N ASP A 455 -13.16 -12.81 -5.22
CA ASP A 455 -13.31 -11.61 -4.39
C ASP A 455 -13.15 -11.94 -2.90
N ASP A 456 -13.79 -13.02 -2.44
CA ASP A 456 -13.67 -13.44 -1.05
C ASP A 456 -12.23 -13.79 -0.68
N LEU A 457 -11.52 -14.52 -1.56
CA LEU A 457 -10.13 -14.88 -1.26
C LEU A 457 -9.23 -13.64 -1.22
N GLU A 458 -9.53 -12.61 -1.99
CA GLU A 458 -8.80 -11.35 -1.93
C GLU A 458 -9.34 -10.43 -0.84
N ASP A 459 -10.39 -10.84 -0.13
CA ASP A 459 -11.02 -10.04 0.92
C ASP A 459 -11.52 -8.70 0.37
N LEU A 460 -12.13 -8.74 -0.83
CA LEU A 460 -12.76 -7.57 -1.45
C LEU A 460 -14.26 -7.49 -1.19
N GLU A 461 -14.87 -8.55 -0.71
CA GLU A 461 -16.32 -8.58 -0.51
C GLU A 461 -16.69 -8.13 0.91
C1 GLC B . -1.40 4.73 4.38
C2 GLC B . -0.48 5.27 3.29
C3 GLC B . -0.19 4.21 2.23
C4 GLC B . 0.19 2.87 2.84
C5 GLC B . -0.88 2.44 3.84
C6 GLC B . -0.46 1.16 4.58
O1 GLC B . -2.73 4.69 3.90
O2 GLC B . -1.09 6.39 2.66
O3 GLC B . 0.85 4.69 1.39
O4 GLC B . 0.27 1.92 1.82
O5 GLC B . -1.06 3.44 4.84
O6 GLC B . -1.61 0.60 5.17
C1 GLC B . 1.54 1.52 1.37
C2 GLC B . 1.53 1.47 -0.15
C3 GLC B . 0.56 0.40 -0.62
C4 GLC B . 0.95 -0.93 -0.02
C5 GLC B . 0.99 -0.81 1.52
C6 GLC B . 1.47 -2.12 2.15
O2 GLC B . 1.16 2.72 -0.69
O3 GLC B . 0.59 0.34 -2.04
O4 GLC B . 0.03 -1.93 -0.44
O5 GLC B . 1.85 0.24 1.91
O6 GLC B . 1.32 -2.10 3.57
C1 CIT C . 12.81 -19.04 12.89
O1 CIT C . 13.88 -19.72 12.75
O2 CIT C . 12.67 -17.97 12.26
C2 CIT C . 11.69 -19.44 13.83
C3 CIT C . 12.10 -20.51 14.85
O7 CIT C . 11.05 -20.67 15.85
C4 CIT C . 12.27 -21.83 14.12
C5 CIT C . 10.97 -22.57 14.32
O3 CIT C . 10.99 -23.82 14.23
O4 CIT C . 9.90 -21.98 14.61
C6 CIT C . 13.44 -20.18 15.52
O5 CIT C . 14.06 -21.11 16.10
O6 CIT C . 13.92 -19.01 15.51
#